data_5LKU
#
_entry.id   5LKU
#
_cell.length_a   93.960
_cell.length_b   156.400
_cell.length_c   110.680
_cell.angle_alpha   90.00
_cell.angle_beta   90.00
_cell.angle_gamma   90.00
#
_symmetry.space_group_name_H-M   'C 2 2 21'
#
loop_
_entity.id
_entity.type
_entity.pdbx_description
1 polymer 'Histone acetyltransferase p300,Histone acetyltransferase p300'
2 non-polymer 'ZINC ION'
3 non-polymer 'COENZYME A'
4 water water
#
_entity_poly.entity_id   1
_entity_poly.type   'polypeptide(L)'
_entity_poly.pdbx_seq_one_letter_code
;GAMAGKAVPMQSKKKIFKPEELRQALMPTLEALYRQDPESLPFRQPVDPQLLGIPDYFDIVKSPMDLSTIKRKLDTGQYQ
EPWQYVDDIWLMFNNAWLYNRKTSRVYKYCSKLSEVFEQEIDPVMQSLGYCCGRKLEFSPQTLCCYGKQLCTIPRDATYY
SYQNRYHFCEKCFNEIQGESVSLGDDPSQPQTTINKEQFSKRKNDTLDPELFVECTECGRKMHQICVLHHEIIWPAGFVC
DGCLKKSARTRKENKFSAKRLPSTRLGTFLENRVNDFLRRQNHPESGEVTVRVVHASDKTVEVKPGMKARFVDSGEMAES
FPYRTKALFAFEEIDGVDLCFFGMHVQEYGSDCPPPNQRRVYISYLDSVHFFRPKCLRTAVYHEILIGYLEYVKKLGYTT
GHIWACPPSEGDDYIFHCHPPDQKIPKPKRLQEWFKKMLDKAVSERIVHDYKDIFKQATEDRLTSAKELPYFEGDFWPNV
LEESIKESGGSGSQKLYATMEKHKEVFFVIRLIAGPAANSLPPIVDPDPLIPCDLMDGRDAFLTLARDKHLEFSSLRRAQ
WSTMCMLVELHTQSQDRF
;
_entity_poly.pdbx_strand_id   A
#
# COMPACT_ATOMS: atom_id res chain seq x y z
N ILE A 16 -0.17 32.39 20.94
CA ILE A 16 0.46 33.61 20.33
C ILE A 16 1.84 33.81 20.99
N PHE A 17 2.86 33.88 20.13
CA PHE A 17 4.22 34.22 20.54
C PHE A 17 4.40 35.72 20.40
N LYS A 18 5.27 36.28 21.25
CA LYS A 18 5.59 37.71 21.17
C LYS A 18 6.24 37.95 19.81
N PRO A 19 5.84 39.03 19.10
CA PRO A 19 6.38 39.24 17.76
C PRO A 19 7.89 39.28 17.66
N GLU A 20 8.57 39.67 18.73
CA GLU A 20 10.02 39.67 18.73
C GLU A 20 10.52 38.24 18.82
N GLU A 21 9.82 37.43 19.59
CA GLU A 21 10.15 36.02 19.74
C GLU A 21 10.17 35.36 18.35
N LEU A 22 9.14 35.64 17.55
CA LEU A 22 9.05 35.10 16.20
C LEU A 22 10.10 35.64 15.25
N ARG A 23 10.30 36.95 15.32
CA ARG A 23 11.31 37.62 14.50
C ARG A 23 12.69 37.05 14.78
N GLN A 24 13.03 36.98 16.05
CA GLN A 24 14.35 36.48 16.44
C GLN A 24 14.54 35.06 15.94
N ALA A 25 13.48 34.25 16.05
CA ALA A 25 13.58 32.83 15.72
C ALA A 25 13.61 32.57 14.22
N LEU A 26 12.80 33.31 13.49
CA LEU A 26 12.53 33.02 12.08
C LEU A 26 13.38 33.81 11.11
N MET A 27 13.76 35.03 11.48
CA MET A 27 14.50 35.90 10.59
C MET A 27 15.81 35.27 10.09
N PRO A 28 16.50 34.52 10.97
CA PRO A 28 17.67 33.84 10.42
C PRO A 28 17.33 32.94 9.24
N THR A 29 16.13 32.35 9.23
CA THR A 29 15.76 31.43 8.14
C THR A 29 15.49 32.26 6.89
N LEU A 30 14.96 33.47 7.07
CA LEU A 30 14.71 34.35 5.93
C LEU A 30 16.02 34.91 5.35
N GLU A 31 16.94 35.31 6.23
CA GLU A 31 18.27 35.75 5.77
C GLU A 31 18.98 34.66 4.98
N ALA A 32 18.76 33.40 5.35
CA ALA A 32 19.44 32.29 4.69
C ALA A 32 19.06 32.25 3.22
N LEU A 33 17.82 32.64 2.93
CA LEU A 33 17.34 32.70 1.53
C LEU A 33 17.91 33.94 0.82
N TYR A 34 17.83 35.09 1.50
CA TYR A 34 18.38 36.34 0.97
C TYR A 34 19.83 36.18 0.47
N ARG A 35 20.65 35.57 1.31
CA ARG A 35 22.09 35.50 1.04
C ARG A 35 22.45 34.44 -0.02
N GLN A 36 21.46 33.98 -0.77
CA GLN A 36 21.70 33.13 -1.92
C GLN A 36 21.73 33.99 -3.16
N ASP A 37 22.91 34.19 -3.72
CA ASP A 37 23.10 35.00 -4.93
C ASP A 37 23.58 34.04 -6.00
N PRO A 38 23.03 34.08 -7.20
CA PRO A 38 21.98 34.99 -7.63
C PRO A 38 20.56 34.47 -7.40
N GLU A 39 20.42 33.25 -6.86
CA GLU A 39 19.12 32.56 -6.77
C GLU A 39 18.04 33.42 -6.13
N SER A 40 18.41 34.15 -5.09
CA SER A 40 17.49 34.99 -4.33
C SER A 40 16.91 36.17 -5.10
N LEU A 41 17.68 36.67 -6.07
CA LEU A 41 17.39 37.98 -6.67
C LEU A 41 15.98 38.10 -7.23
N PRO A 42 15.57 37.13 -8.10
CA PRO A 42 14.21 37.18 -8.64
C PRO A 42 13.11 37.21 -7.59
N PHE A 43 13.41 36.94 -6.32
CA PHE A 43 12.37 36.82 -5.28
C PHE A 43 12.40 37.91 -4.22
N ARG A 44 13.31 38.88 -4.36
CA ARG A 44 13.56 39.86 -3.31
C ARG A 44 12.57 41.03 -3.30
N GLN A 45 11.91 41.25 -4.43
CA GLN A 45 10.93 42.34 -4.53
C GLN A 45 9.67 41.81 -5.21
N PRO A 46 8.51 42.45 -4.93
CA PRO A 46 7.27 42.06 -5.61
C PRO A 46 7.42 42.07 -7.13
N VAL A 47 6.92 41.02 -7.77
CA VAL A 47 6.95 40.93 -9.23
C VAL A 47 6.17 42.10 -9.83
N ASP A 48 6.86 42.91 -10.65
CA ASP A 48 6.19 43.92 -11.49
C ASP A 48 5.99 43.30 -12.87
N PRO A 49 4.75 42.89 -13.18
CA PRO A 49 4.52 42.13 -14.41
C PRO A 49 4.93 42.86 -15.69
N GLN A 50 4.63 44.15 -15.76
CA GLN A 50 4.91 44.93 -16.97
C GLN A 50 6.38 45.24 -17.12
N LEU A 51 6.99 45.76 -16.05
CA LEU A 51 8.46 46.02 -16.03
C LEU A 51 9.26 44.78 -16.45
N LEU A 52 8.88 43.63 -15.89
CA LEU A 52 9.53 42.34 -16.17
C LEU A 52 9.14 41.77 -17.54
N GLY A 53 8.24 42.46 -18.27
CA GLY A 53 7.85 42.09 -19.63
C GLY A 53 6.97 40.86 -19.67
N ILE A 54 6.05 40.76 -18.71
CA ILE A 54 5.21 39.58 -18.50
C ILE A 54 3.81 40.08 -18.07
N PRO A 55 2.85 40.15 -19.02
CA PRO A 55 1.52 40.71 -18.72
C PRO A 55 0.51 39.73 -18.08
N ASP A 56 0.62 38.44 -18.39
CA ASP A 56 -0.32 37.42 -17.91
C ASP A 56 0.00 36.89 -16.52
N TYR A 57 0.97 37.48 -15.83
CA TYR A 57 1.41 36.96 -14.54
C TYR A 57 0.25 36.88 -13.56
N PHE A 58 -0.54 37.95 -13.50
CA PHE A 58 -1.67 37.99 -12.58
C PHE A 58 -2.88 37.21 -13.08
N ASP A 59 -2.82 36.66 -14.28
CA ASP A 59 -3.85 35.70 -14.74
C ASP A 59 -3.60 34.33 -14.14
N ILE A 60 -2.33 34.06 -13.82
CA ILE A 60 -1.90 32.77 -13.27
C ILE A 60 -1.72 32.85 -11.76
N VAL A 61 -0.97 33.86 -11.31
CA VAL A 61 -0.65 34.03 -9.90
C VAL A 61 -1.63 35.00 -9.28
N LYS A 62 -2.48 34.49 -8.41
CA LYS A 62 -3.55 35.28 -7.83
C LYS A 62 -3.21 35.73 -6.43
N SER A 63 -2.18 35.15 -5.80
CA SER A 63 -1.75 35.58 -4.47
C SER A 63 -0.24 35.78 -4.48
N PRO A 64 0.22 36.93 -5.00
CA PRO A 64 1.65 37.21 -5.10
C PRO A 64 2.32 37.23 -3.73
N MET A 65 3.59 36.85 -3.69
CA MET A 65 4.34 36.90 -2.46
C MET A 65 5.83 36.93 -2.77
N ASP A 66 6.60 37.58 -1.91
CA ASP A 66 8.04 37.73 -2.12
C ASP A 66 8.74 37.99 -0.78
N LEU A 67 10.05 37.92 -0.80
CA LEU A 67 10.86 38.04 0.43
C LEU A 67 10.63 39.35 1.18
N SER A 68 10.52 40.45 0.45
CA SER A 68 10.37 41.77 1.06
C SER A 68 9.06 41.84 1.83
N THR A 69 8.00 41.35 1.19
CA THR A 69 6.68 41.35 1.82
C THR A 69 6.71 40.52 3.08
N ILE A 70 7.45 39.40 3.04
CA ILE A 70 7.54 38.50 4.19
C ILE A 70 8.41 39.15 5.28
N LYS A 71 9.57 39.67 4.90
CA LYS A 71 10.38 40.43 5.85
C LYS A 71 9.54 41.50 6.57
N ARG A 72 8.74 42.24 5.82
CA ARG A 72 7.94 43.32 6.39
C ARG A 72 6.91 42.81 7.39
N LYS A 73 6.22 41.74 7.03
CA LYS A 73 5.19 41.19 7.91
C LYS A 73 5.84 40.71 9.20
N LEU A 74 7.06 40.21 9.06
CA LEU A 74 7.84 39.70 10.18
C LEU A 74 8.34 40.82 11.10
N ASP A 75 8.93 41.83 10.48
CA ASP A 75 9.37 43.04 11.23
C ASP A 75 8.24 43.74 11.97
N THR A 76 7.05 43.76 11.38
CA THR A 76 5.90 44.50 11.93
C THR A 76 4.89 43.62 12.67
N GLY A 77 5.27 42.41 13.04
CA GLY A 77 4.46 41.55 13.89
C GLY A 77 3.12 41.12 13.33
N GLN A 78 3.05 40.86 12.03
CA GLN A 78 1.81 40.44 11.38
C GLN A 78 1.55 38.94 11.46
N TYR A 79 2.51 38.17 11.97
CA TYR A 79 2.33 36.73 12.14
C TYR A 79 2.06 36.38 13.60
N GLN A 80 0.97 35.67 13.86
CA GLN A 80 0.64 35.29 15.22
C GLN A 80 1.33 33.98 15.60
N GLU A 81 1.58 33.13 14.59
CA GLU A 81 2.25 31.86 14.81
C GLU A 81 3.11 31.47 13.59
N PRO A 82 4.18 30.69 13.81
CA PRO A 82 5.20 30.50 12.78
C PRO A 82 4.73 29.81 11.50
N TRP A 83 3.68 28.99 11.54
CA TRP A 83 3.21 28.31 10.31
C TRP A 83 2.71 29.31 9.28
N GLN A 84 2.21 30.46 9.74
CA GLN A 84 1.79 31.51 8.82
C GLN A 84 2.98 32.04 8.01
N TYR A 85 4.14 32.11 8.65
CA TYR A 85 5.39 32.47 7.97
C TYR A 85 5.75 31.38 6.96
N VAL A 86 5.75 30.14 7.42
CA VAL A 86 6.05 29.01 6.53
C VAL A 86 5.10 28.99 5.30
N ASP A 87 3.81 29.24 5.50
CA ASP A 87 2.84 29.22 4.39
C ASP A 87 3.14 30.26 3.31
N ASP A 88 3.50 31.46 3.74
CA ASP A 88 3.90 32.50 2.82
C ASP A 88 5.17 32.13 2.05
N ILE A 89 6.16 31.57 2.76
CA ILE A 89 7.38 31.15 2.07
C ILE A 89 6.99 30.19 0.96
N TRP A 90 6.16 29.19 1.29
CA TRP A 90 5.82 28.16 0.32
C TRP A 90 4.91 28.74 -0.76
N LEU A 91 4.15 29.78 -0.42
CA LEU A 91 3.35 30.41 -1.46
C LEU A 91 4.23 31.07 -2.50
N MET A 92 5.22 31.82 -2.02
CA MET A 92 6.23 32.38 -2.90
C MET A 92 6.83 31.28 -3.80
N PHE A 93 7.29 30.18 -3.20
CA PHE A 93 7.92 29.16 -4.03
C PHE A 93 6.97 28.58 -5.07
N ASN A 94 5.75 28.21 -4.64
CA ASN A 94 4.79 27.58 -5.55
C ASN A 94 4.31 28.55 -6.62
N ASN A 95 4.26 29.84 -6.29
CA ASN A 95 3.95 30.84 -7.32
C ASN A 95 4.97 30.80 -8.47
N ALA A 96 6.25 30.70 -8.10
CA ALA A 96 7.31 30.63 -9.09
C ALA A 96 7.33 29.29 -9.84
N TRP A 97 7.17 28.16 -9.14
CA TRP A 97 7.04 26.85 -9.81
C TRP A 97 5.81 26.78 -10.72
N LEU A 98 4.76 27.54 -10.40
CA LEU A 98 3.56 27.58 -11.23
C LEU A 98 3.78 28.39 -12.50
N TYR A 99 4.24 29.63 -12.36
CA TYR A 99 4.32 30.51 -13.53
C TYR A 99 5.46 30.14 -14.50
N ASN A 100 6.61 29.75 -13.97
CA ASN A 100 7.80 29.49 -14.78
C ASN A 100 7.93 28.04 -15.25
N ARG A 101 8.54 27.84 -16.42
CA ARG A 101 8.75 26.49 -16.98
C ARG A 101 9.74 25.68 -16.15
N LYS A 102 9.52 24.38 -16.09
CA LYS A 102 10.40 23.45 -15.35
C LYS A 102 11.86 23.61 -15.75
N THR A 103 12.06 24.09 -16.97
CA THR A 103 13.39 24.20 -17.55
C THR A 103 13.98 25.59 -17.40
N SER A 104 13.21 26.50 -16.83
CA SER A 104 13.59 27.91 -16.82
C SER A 104 14.61 28.22 -15.75
N ARG A 105 15.07 29.47 -15.76
CA ARG A 105 16.02 29.98 -14.79
C ARG A 105 15.43 30.15 -13.39
N VAL A 106 14.30 30.84 -13.35
CA VAL A 106 13.68 31.19 -12.07
C VAL A 106 13.23 29.93 -11.34
N TYR A 107 12.77 28.95 -12.12
CA TYR A 107 12.29 27.71 -11.57
C TYR A 107 13.36 26.99 -10.75
N LYS A 108 14.52 26.82 -11.36
CA LYS A 108 15.64 26.13 -10.71
C LYS A 108 16.17 26.94 -9.54
N TYR A 109 16.19 28.26 -9.66
CA TYR A 109 16.55 29.15 -8.55
C TYR A 109 15.63 28.93 -7.37
N CYS A 110 14.34 28.83 -7.66
CA CYS A 110 13.29 28.63 -6.67
C CYS A 110 13.54 27.33 -5.94
N SER A 111 13.73 26.27 -6.70
CA SER A 111 14.11 24.97 -6.17
C SER A 111 15.31 25.01 -5.21
N LYS A 112 16.33 25.81 -5.54
CA LYS A 112 17.49 25.91 -4.67
C LYS A 112 17.12 26.57 -3.36
N LEU A 113 16.40 27.69 -3.43
CA LEU A 113 15.92 28.37 -2.22
C LEU A 113 15.12 27.42 -1.32
N SER A 114 14.24 26.61 -1.91
CA SER A 114 13.33 25.78 -1.12
C SER A 114 14.13 24.72 -0.35
N GLU A 115 15.17 24.19 -0.99
CA GLU A 115 16.09 23.27 -0.33
C GLU A 115 16.80 23.92 0.85
N VAL A 116 17.29 25.13 0.66
CA VAL A 116 17.89 25.87 1.77
C VAL A 116 16.85 26.04 2.87
N PHE A 117 15.64 26.38 2.45
CA PHE A 117 14.62 26.67 3.44
C PHE A 117 14.29 25.41 4.25
N GLU A 118 14.08 24.28 3.58
CA GLU A 118 13.67 23.06 4.29
C GLU A 118 14.70 22.71 5.35
N GLN A 119 15.97 22.85 5.00
CA GLN A 119 17.03 22.55 5.95
C GLN A 119 17.09 23.57 7.11
N GLU A 120 16.84 24.82 6.81
CA GLU A 120 16.83 25.84 7.85
C GLU A 120 15.61 25.71 8.79
N ILE A 121 14.43 25.47 8.21
CA ILE A 121 13.20 25.73 8.97
C ILE A 121 12.91 24.65 10.00
N ASP A 122 13.32 23.41 9.70
CA ASP A 122 12.94 22.27 10.53
C ASP A 122 13.44 22.39 11.98
N PRO A 123 14.75 22.61 12.19
CA PRO A 123 15.20 22.73 13.59
C PRO A 123 14.70 23.99 14.31
N VAL A 124 14.47 25.07 13.58
CA VAL A 124 13.86 26.24 14.21
C VAL A 124 12.46 25.93 14.73
N MET A 125 11.62 25.34 13.89
CA MET A 125 10.28 25.02 14.32
C MET A 125 10.31 24.10 15.54
N GLN A 126 11.21 23.14 15.54
CA GLN A 126 11.32 22.26 16.69
C GLN A 126 11.74 23.04 17.94
N SER A 127 12.57 24.06 17.79
CA SER A 127 12.96 24.89 18.95
C SER A 127 11.76 25.60 19.54
N LEU A 128 10.76 25.83 18.69
CA LEU A 128 9.59 26.59 19.11
C LEU A 128 8.49 25.70 19.67
N GLY A 129 8.81 24.41 19.84
CA GLY A 129 7.92 23.46 20.50
C GLY A 129 7.10 22.62 19.55
N TYR A 130 7.46 22.60 18.26
CA TYR A 130 6.69 21.93 17.22
C TYR A 130 7.26 20.56 16.86
N CYS A 131 6.39 19.66 16.39
CA CYS A 131 6.79 18.34 15.89
C CYS A 131 7.92 18.46 14.89
N CYS A 132 7.75 19.37 13.94
CA CYS A 132 8.73 19.57 12.89
C CYS A 132 8.39 20.85 12.17
N GLY A 133 9.24 21.28 11.25
CA GLY A 133 8.94 22.42 10.37
C GLY A 133 8.74 22.07 8.92
N ARG A 134 8.57 20.79 8.62
CA ARG A 134 8.48 20.39 7.21
C ARG A 134 7.09 20.63 6.65
N LYS A 135 7.04 20.78 5.35
CA LYS A 135 5.79 20.98 4.64
C LYS A 135 5.48 19.64 4.04
N LEU A 136 4.34 19.08 4.37
CA LEU A 136 4.03 17.71 3.92
C LEU A 136 2.80 17.54 3.11
N GLU A 137 2.85 16.65 2.14
CA GLU A 137 1.73 16.43 1.24
C GLU A 137 1.69 15.00 0.89
N PHE A 138 0.54 14.47 0.55
CA PHE A 138 0.42 13.03 0.27
C PHE A 138 0.84 12.72 -1.16
N SER A 139 1.18 11.46 -1.39
CA SER A 139 1.54 10.95 -2.71
C SER A 139 0.38 11.11 -3.70
N PRO A 140 0.67 11.43 -4.96
CA PRO A 140 -0.46 11.55 -5.91
C PRO A 140 -1.00 10.18 -6.33
N GLN A 141 -2.33 10.04 -6.34
CA GLN A 141 -2.95 8.79 -6.80
C GLN A 141 -2.70 8.55 -8.29
N THR A 142 -2.62 7.28 -8.69
CA THR A 142 -2.47 6.94 -10.11
C THR A 142 -3.85 7.01 -10.77
N LEU A 143 -3.92 7.76 -11.87
CA LEU A 143 -5.14 7.86 -12.67
C LEU A 143 -5.15 6.86 -13.83
N CYS A 144 -6.13 5.98 -13.82
CA CYS A 144 -6.32 5.01 -14.89
C CYS A 144 -6.88 5.66 -16.14
N CYS A 145 -7.42 4.85 -17.03
CA CYS A 145 -8.01 5.32 -18.28
C CYS A 145 -9.11 4.35 -18.70
N TYR A 146 -10.32 4.88 -18.85
CA TYR A 146 -11.47 4.10 -19.30
C TYR A 146 -11.33 3.68 -20.77
N GLY A 147 -10.42 4.32 -21.49
CA GLY A 147 -10.15 4.05 -22.90
C GLY A 147 -9.60 2.66 -23.16
N LYS A 148 -8.63 2.24 -22.35
CA LYS A 148 -7.99 0.91 -22.47
C LYS A 148 -7.84 0.20 -21.13
N GLN A 149 -7.46 -1.07 -21.16
CA GLN A 149 -7.48 -1.94 -19.98
C GLN A 149 -6.61 -1.43 -18.84
N LEU A 150 -5.30 -1.37 -19.05
CA LEU A 150 -4.36 -0.83 -18.05
C LEU A 150 -3.51 0.27 -18.67
N CYS A 151 -4.17 1.20 -19.35
CA CYS A 151 -3.56 2.49 -19.68
C CYS A 151 -3.58 3.33 -18.40
N THR A 152 -2.61 4.24 -18.26
CA THR A 152 -2.47 5.07 -17.05
C THR A 152 -1.96 6.48 -17.40
N ILE A 153 -2.28 7.45 -16.54
CA ILE A 153 -1.95 8.85 -16.79
C ILE A 153 -0.73 9.19 -15.93
N PRO A 154 0.22 9.97 -16.48
CA PRO A 154 1.43 10.29 -15.70
C PRO A 154 1.36 11.61 -14.96
N ARG A 155 2.06 11.66 -13.83
CA ARG A 155 2.06 12.85 -13.00
C ARG A 155 2.51 14.06 -13.83
N ASP A 156 1.87 15.21 -13.60
CA ASP A 156 2.15 16.50 -14.29
C ASP A 156 1.74 16.60 -15.78
N ALA A 157 1.56 15.47 -16.47
CA ALA A 157 1.14 15.44 -17.87
C ALA A 157 -0.36 15.67 -18.00
N THR A 158 -0.74 16.32 -19.09
CA THR A 158 -2.11 16.77 -19.32
C THR A 158 -3.08 15.59 -19.59
N TYR A 159 -4.32 15.74 -19.11
CA TYR A 159 -5.36 14.73 -19.32
C TYR A 159 -6.75 15.33 -19.33
N TYR A 160 -7.73 14.50 -19.71
CA TYR A 160 -9.11 14.92 -19.88
C TYR A 160 -10.02 14.15 -18.96
N SER A 161 -10.92 14.84 -18.26
CA SER A 161 -11.82 14.15 -17.32
C SER A 161 -13.28 14.64 -17.35
N TYR A 162 -14.17 13.78 -16.88
CA TYR A 162 -15.60 14.09 -16.84
C TYR A 162 -16.16 13.64 -15.50
N GLN A 163 -16.77 14.58 -14.79
CA GLN A 163 -17.34 14.33 -13.47
C GLN A 163 -16.35 13.72 -12.49
N ASN A 164 -15.08 14.11 -12.63
CA ASN A 164 -13.99 13.56 -11.85
C ASN A 164 -14.05 12.02 -11.75
N ARG A 165 -14.54 11.40 -12.81
CA ARG A 165 -14.89 9.98 -12.79
C ARG A 165 -14.34 9.26 -14.02
N TYR A 166 -14.47 9.88 -15.19
CA TYR A 166 -13.97 9.33 -16.44
C TYR A 166 -12.83 10.17 -16.95
N HIS A 167 -11.63 9.60 -16.92
CA HIS A 167 -10.40 10.30 -17.34
C HIS A 167 -9.75 9.62 -18.56
N PHE A 168 -9.11 10.43 -19.39
CA PHE A 168 -8.46 9.93 -20.61
C PHE A 168 -7.12 10.62 -20.88
N CYS A 169 -6.08 9.80 -21.07
CA CYS A 169 -4.74 10.29 -21.44
C CYS A 169 -4.78 11.05 -22.74
N GLU A 170 -3.97 12.11 -22.85
CA GLU A 170 -4.04 13.03 -24.00
C GLU A 170 -3.92 12.34 -25.37
N LYS A 171 -3.20 11.21 -25.40
CA LYS A 171 -3.11 10.36 -26.59
C LYS A 171 -4.45 9.70 -26.89
N CYS A 172 -4.84 8.70 -26.09
CA CYS A 172 -6.04 7.87 -26.35
C CYS A 172 -7.38 8.64 -26.32
N PHE A 173 -7.34 9.90 -25.89
CA PHE A 173 -8.48 10.81 -25.99
C PHE A 173 -8.66 11.30 -27.43
N ASN A 174 -7.56 11.72 -28.05
CA ASN A 174 -7.59 12.18 -29.44
C ASN A 174 -7.59 11.08 -30.49
N GLU A 175 -7.28 9.86 -30.04
CA GLU A 175 -7.37 8.69 -30.90
C GLU A 175 -8.73 8.59 -31.56
N ILE A 176 -9.79 8.71 -30.75
CA ILE A 176 -11.15 8.41 -31.21
C ILE A 176 -11.56 9.38 -32.32
N GLN A 177 -12.01 8.81 -33.44
CA GLN A 177 -12.59 9.57 -34.54
C GLN A 177 -13.82 10.34 -34.05
N GLY A 178 -13.90 11.62 -34.42
CA GLY A 178 -15.06 12.45 -34.11
C GLY A 178 -14.95 13.22 -32.81
N GLU A 179 -16.10 13.71 -32.34
CA GLU A 179 -16.21 14.57 -31.14
C GLU A 179 -17.12 14.01 -30.02
N SER A 180 -17.40 12.72 -30.03
CA SER A 180 -18.25 12.14 -29.00
C SER A 180 -17.61 10.92 -28.37
N VAL A 181 -17.63 10.90 -27.04
CA VAL A 181 -17.12 9.80 -26.23
C VAL A 181 -18.29 8.99 -25.69
N SER A 182 -18.07 7.72 -25.37
CA SER A 182 -19.13 6.89 -24.81
C SER A 182 -18.71 6.24 -23.51
N LEU A 183 -19.47 6.51 -22.45
CA LEU A 183 -19.16 6.05 -21.09
C LEU A 183 -20.22 5.05 -20.59
N GLY A 184 -19.76 4.00 -19.91
CA GLY A 184 -20.63 2.98 -19.34
C GLY A 184 -20.32 2.76 -17.87
N GLN A 191 -23.17 3.52 -21.62
CA GLN A 191 -23.88 3.56 -22.89
C GLN A 191 -24.56 4.91 -23.19
N THR A 192 -23.90 6.01 -22.81
CA THR A 192 -24.38 7.38 -23.05
C THR A 192 -23.24 8.25 -23.61
N THR A 193 -23.61 9.27 -24.36
CA THR A 193 -22.71 9.95 -25.26
C THR A 193 -22.40 11.37 -24.83
N ILE A 194 -21.11 11.68 -24.71
CA ILE A 194 -20.67 12.98 -24.22
C ILE A 194 -19.70 13.64 -25.19
N ASN A 195 -20.05 14.84 -25.61
CA ASN A 195 -19.19 15.68 -26.43
C ASN A 195 -17.83 15.93 -25.75
N LYS A 196 -16.76 15.96 -26.55
CA LYS A 196 -15.43 16.17 -26.01
C LYS A 196 -15.35 17.52 -25.30
N GLU A 197 -16.15 18.47 -25.77
CA GLU A 197 -16.15 19.80 -25.20
C GLU A 197 -16.61 19.80 -23.75
N GLN A 198 -17.22 18.70 -23.32
CA GLN A 198 -17.75 18.58 -21.97
C GLN A 198 -16.70 18.03 -20.99
N PHE A 199 -15.52 17.67 -21.50
CA PHE A 199 -14.43 17.21 -20.65
C PHE A 199 -13.58 18.37 -20.13
N SER A 200 -13.03 18.18 -18.94
CA SER A 200 -12.09 19.12 -18.35
C SER A 200 -10.70 18.79 -18.87
N LYS A 201 -9.94 19.79 -19.31
CA LYS A 201 -8.51 19.61 -19.60
C LYS A 201 -7.71 20.02 -18.38
N ARG A 202 -6.88 19.13 -17.87
CA ARG A 202 -6.17 19.41 -16.62
C ARG A 202 -4.88 18.60 -16.48
N LYS A 203 -4.03 19.05 -15.58
CA LYS A 203 -2.75 18.39 -15.32
C LYS A 203 -2.86 17.59 -14.03
N ASN A 204 -2.27 16.39 -14.02
CA ASN A 204 -2.30 15.53 -12.84
C ASN A 204 -1.28 16.00 -11.77
N ASP A 205 -1.39 17.26 -11.35
CA ASP A 205 -0.37 17.87 -10.51
C ASP A 205 -0.87 18.24 -9.08
N THR A 206 -1.94 17.60 -8.65
CA THR A 206 -2.59 17.96 -7.37
C THR A 206 -2.08 17.12 -6.21
N LEU A 207 -1.62 17.79 -5.16
CA LEU A 207 -1.16 17.05 -3.96
C LEU A 207 -1.84 17.55 -2.70
N ASP A 208 -2.44 16.63 -1.96
CA ASP A 208 -3.22 17.00 -0.78
C ASP A 208 -2.29 17.20 0.42
N PRO A 209 -2.39 18.35 1.10
CA PRO A 209 -1.58 18.53 2.30
C PRO A 209 -1.90 17.61 3.44
N GLU A 210 -0.89 17.29 4.24
CA GLU A 210 -1.15 16.62 5.53
C GLU A 210 -1.95 17.52 6.41
N LEU A 211 -2.72 16.91 7.30
CA LEU A 211 -3.55 17.66 8.25
C LEU A 211 -2.82 17.92 9.56
N PHE A 212 -3.27 18.98 10.22
CA PHE A 212 -2.79 19.38 11.54
C PHE A 212 -3.84 19.13 12.59
N VAL A 213 -3.41 18.97 13.83
CA VAL A 213 -4.26 18.92 15.02
C VAL A 213 -3.68 19.94 15.99
N GLU A 214 -4.56 20.59 16.74
CA GLU A 214 -4.15 21.67 17.65
C GLU A 214 -4.04 21.16 19.05
N CYS A 215 -2.92 21.45 19.73
CA CYS A 215 -2.80 21.13 21.15
C CYS A 215 -3.88 21.91 21.87
N THR A 216 -4.66 21.22 22.68
CA THR A 216 -5.78 21.83 23.38
C THR A 216 -5.29 22.71 24.53
N GLU A 217 -4.07 22.50 24.99
CA GLU A 217 -3.47 23.35 26.02
C GLU A 217 -2.70 24.53 25.45
N CYS A 218 -1.58 24.29 24.77
CA CYS A 218 -0.73 25.38 24.28
C CYS A 218 -1.22 25.99 22.98
N GLY A 219 -2.09 25.30 22.26
CA GLY A 219 -2.59 25.82 20.99
C GLY A 219 -1.70 25.62 19.77
N ARG A 220 -0.51 25.03 19.94
CA ARG A 220 0.36 24.73 18.78
C ARG A 220 -0.31 23.72 17.82
N LYS A 221 -0.22 24.01 16.53
CA LYS A 221 -0.67 23.09 15.46
C LYS A 221 0.46 22.12 15.12
N MET A 222 0.19 20.82 15.21
CA MET A 222 1.16 19.78 14.84
C MET A 222 0.61 18.83 13.79
N HIS A 223 1.47 18.25 12.96
CA HIS A 223 1.04 17.22 12.00
C HIS A 223 0.37 16.07 12.74
N GLN A 224 -0.84 15.75 12.34
CA GLN A 224 -1.58 14.66 12.96
C GLN A 224 -0.79 13.34 12.93
N ILE A 225 -0.15 13.10 11.79
CA ILE A 225 0.68 11.91 11.62
C ILE A 225 1.97 11.94 12.45
N CYS A 226 2.56 13.12 12.68
CA CYS A 226 3.75 13.24 13.56
C CYS A 226 3.43 12.81 15.00
N VAL A 227 2.27 13.21 15.49
CA VAL A 227 1.98 13.01 16.90
C VAL A 227 1.06 11.82 17.11
N LEU A 228 0.56 11.25 16.02
CA LEU A 228 -0.31 10.06 16.06
C LEU A 228 -1.49 10.27 16.99
N HIS A 229 -2.25 11.32 16.72
CA HIS A 229 -3.45 11.58 17.50
C HIS A 229 -4.67 11.10 16.77
N HIS A 230 -5.39 10.16 17.37
CA HIS A 230 -6.59 9.65 16.77
C HIS A 230 -7.72 9.96 17.73
N GLU A 231 -8.77 10.58 17.20
CA GLU A 231 -9.89 11.09 17.99
C GLU A 231 -10.71 10.03 18.74
N ILE A 232 -10.75 8.83 18.19
CA ILE A 232 -11.48 7.69 18.79
C ILE A 232 -10.68 7.13 19.96
N ILE A 233 -9.35 7.13 19.83
CA ILE A 233 -8.51 6.53 20.85
C ILE A 233 -8.36 7.48 22.04
N TRP A 234 -8.22 8.79 21.76
CA TRP A 234 -8.10 9.81 22.82
C TRP A 234 -9.20 10.87 22.64
N PRO A 235 -10.45 10.52 23.03
CA PRO A 235 -11.55 11.43 22.70
C PRO A 235 -11.52 12.75 23.47
N ALA A 236 -10.84 12.79 24.61
CA ALA A 236 -10.72 14.00 25.39
C ALA A 236 -9.98 15.11 24.65
N GLY A 237 -9.25 14.76 23.58
CA GLY A 237 -8.51 15.77 22.82
C GLY A 237 -7.01 15.63 22.79
N PHE A 238 -6.35 16.32 21.87
CA PHE A 238 -4.89 16.23 21.73
C PHE A 238 -4.16 17.14 22.68
N VAL A 239 -3.15 16.60 23.36
CA VAL A 239 -2.27 17.36 24.25
C VAL A 239 -0.85 16.93 23.92
N CYS A 240 -0.02 17.89 23.50
CA CYS A 240 1.29 17.59 22.98
C CYS A 240 2.18 17.05 24.08
N ASP A 241 3.28 16.40 23.71
CA ASP A 241 4.23 15.84 24.68
C ASP A 241 4.85 16.92 25.57
N GLY A 242 5.07 18.09 25.00
CA GLY A 242 5.58 19.21 25.75
C GLY A 242 4.69 19.55 26.94
N CYS A 243 3.41 19.76 26.68
CA CYS A 243 2.43 20.06 27.72
C CYS A 243 2.24 18.92 28.73
N LEU A 244 2.31 17.68 28.24
CA LEU A 244 2.19 16.51 29.11
C LEU A 244 3.34 16.41 30.08
N LYS A 245 4.56 16.61 29.59
CA LYS A 245 5.76 16.49 30.43
C LYS A 245 5.83 17.59 31.50
N LYS A 246 5.37 18.79 31.17
CA LYS A 246 5.38 19.90 32.12
C LYS A 246 4.60 19.56 33.39
N SER A 247 3.53 18.79 33.24
CA SER A 247 2.72 18.36 34.38
C SER A 247 2.94 16.88 34.71
N ALA A 248 4.04 16.32 34.21
CA ALA A 248 4.38 14.90 34.41
C ALA A 248 3.27 13.90 34.04
N ARG A 249 2.39 14.26 33.11
CA ARG A 249 1.36 13.34 32.63
C ARG A 249 1.87 12.48 31.48
N THR A 250 1.12 11.41 31.18
CA THR A 250 1.33 10.60 29.98
C THR A 250 -0.02 10.35 29.35
N ARG A 251 -0.04 10.08 28.04
CA ARG A 251 -1.29 9.72 27.37
C ARG A 251 -1.89 8.47 27.98
N LYS A 252 -3.22 8.45 27.97
CA LYS A 252 -3.96 7.25 28.30
C LYS A 252 -3.58 6.13 27.32
N GLU A 253 -3.62 4.89 27.80
CA GLU A 253 -3.23 3.74 27.01
C GLU A 253 -4.07 3.63 25.75
N ASN A 254 -3.43 3.32 24.62
CA ASN A 254 -4.14 2.93 23.40
C ASN A 254 -4.63 1.47 23.50
N LYS A 255 -5.93 1.27 23.69
CA LYS A 255 -6.50 -0.08 23.84
C LYS A 255 -6.84 -0.71 22.49
N PHE A 256 -6.68 0.05 21.41
CA PHE A 256 -6.97 -0.42 20.07
C PHE A 256 -5.70 -1.00 19.42
N SER A 257 -5.01 -1.91 20.15
CA SER A 257 -3.73 -2.42 19.67
C SER A 257 -3.87 -3.71 18.90
N ALA A 258 -2.79 -4.11 18.23
CA ALA A 258 -2.77 -5.38 17.52
C ALA A 258 -2.91 -6.53 18.50
N LYS A 259 -2.20 -6.42 19.61
CA LYS A 259 -2.18 -7.47 20.64
C LYS A 259 -3.60 -7.75 21.18
N ARG A 260 -4.43 -6.72 21.24
CA ARG A 260 -5.79 -6.88 21.78
C ARG A 260 -6.82 -7.34 20.76
N LEU A 261 -6.46 -7.45 19.48
CA LEU A 261 -7.33 -8.14 18.54
C LEU A 261 -7.51 -9.62 19.02
N PRO A 262 -8.69 -10.23 18.77
CA PRO A 262 -8.89 -11.62 19.21
C PRO A 262 -7.90 -12.65 18.68
N SER A 263 -7.48 -13.52 19.56
CA SER A 263 -6.57 -14.61 19.20
C SER A 263 -7.28 -15.74 18.52
N THR A 264 -6.54 -16.52 17.74
CA THR A 264 -7.05 -17.72 17.06
C THR A 264 -5.97 -18.79 17.27
N ARG A 265 -6.30 -20.04 17.06
CA ARG A 265 -5.28 -21.10 17.08
C ARG A 265 -4.22 -20.87 16.04
N LEU A 266 -4.64 -20.49 14.83
CA LEU A 266 -3.69 -20.24 13.73
C LEU A 266 -2.74 -19.05 14.04
N GLY A 267 -3.30 -17.90 14.40
CA GLY A 267 -2.51 -16.73 14.77
C GLY A 267 -1.53 -17.05 15.88
N THR A 268 -2.00 -17.75 16.88
CA THR A 268 -1.13 -18.08 18.02
C THR A 268 0.01 -18.97 17.55
N PHE A 269 -0.32 -19.96 16.73
CA PHE A 269 0.68 -20.91 16.28
C PHE A 269 1.79 -20.17 15.51
N LEU A 270 1.37 -19.26 14.62
CA LEU A 270 2.30 -18.54 13.77
C LEU A 270 3.19 -17.60 14.60
N GLU A 271 2.57 -16.88 15.54
CA GLU A 271 3.33 -15.94 16.28
C GLU A 271 4.27 -16.66 17.22
N ASN A 272 3.87 -17.80 17.76
CA ASN A 272 4.81 -18.58 18.57
C ASN A 272 6.00 -19.07 17.77
N ARG A 273 5.76 -19.51 16.56
CA ARG A 273 6.86 -19.94 15.71
C ARG A 273 7.84 -18.78 15.48
N VAL A 274 7.31 -17.61 15.15
CA VAL A 274 8.14 -16.44 14.87
C VAL A 274 8.98 -15.99 16.07
N ASN A 275 8.32 -15.86 17.21
CA ASN A 275 8.96 -15.34 18.41
C ASN A 275 9.95 -16.34 18.99
N ASP A 276 9.63 -17.62 18.89
CA ASP A 276 10.62 -18.65 19.26
C ASP A 276 11.88 -18.55 18.37
N PHE A 277 11.70 -18.29 17.07
CA PHE A 277 12.80 -18.12 16.17
C PHE A 277 13.64 -16.89 16.57
N LEU A 278 12.97 -15.78 16.81
CA LEU A 278 13.66 -14.54 17.19
C LEU A 278 14.42 -14.73 18.49
N ARG A 279 13.83 -15.47 19.42
CA ARG A 279 14.50 -15.71 20.68
C ARG A 279 15.74 -16.56 20.52
N ARG A 280 15.69 -17.54 19.63
CA ARG A 280 16.90 -18.33 19.34
C ARG A 280 17.99 -17.46 18.71
N GLN A 281 17.61 -16.53 17.84
CA GLN A 281 18.62 -15.71 17.16
C GLN A 281 19.29 -14.74 18.13
N ASN A 282 18.49 -14.21 19.04
CA ASN A 282 19.02 -13.37 20.09
C ASN A 282 19.78 -12.15 19.52
N HIS A 283 19.33 -11.61 18.39
CA HIS A 283 19.90 -10.40 17.79
C HIS A 283 19.55 -9.22 18.68
N PRO A 284 20.47 -8.25 18.86
CA PRO A 284 20.16 -7.03 19.60
C PRO A 284 18.95 -6.25 19.05
N GLU A 285 18.21 -5.59 19.93
CA GLU A 285 17.06 -4.78 19.52
C GLU A 285 16.04 -5.57 18.67
N SER A 286 15.74 -6.78 19.10
CA SER A 286 14.64 -7.56 18.52
C SER A 286 13.35 -7.20 19.25
N GLY A 287 12.27 -7.20 18.52
CA GLY A 287 10.97 -6.95 19.10
C GLY A 287 10.08 -8.17 18.94
N GLU A 288 9.10 -8.28 19.82
CA GLU A 288 8.06 -9.31 19.73
C GLU A 288 7.15 -9.10 18.50
N VAL A 289 6.82 -10.19 17.82
CA VAL A 289 5.86 -10.12 16.73
C VAL A 289 4.49 -10.63 17.17
N THR A 290 3.46 -9.93 16.72
CA THR A 290 2.08 -10.31 16.93
C THR A 290 1.45 -10.73 15.60
N VAL A 291 0.86 -11.91 15.55
CA VAL A 291 0.16 -12.35 14.34
C VAL A 291 -1.34 -12.55 14.64
N ARG A 292 -2.19 -11.95 13.82
CA ARG A 292 -3.63 -12.06 13.98
C ARG A 292 -4.32 -12.42 12.68
N VAL A 293 -5.23 -13.39 12.78
CA VAL A 293 -6.16 -13.71 11.73
C VAL A 293 -7.33 -12.78 11.90
N VAL A 294 -7.67 -12.00 10.87
CA VAL A 294 -8.66 -10.94 11.04
C VAL A 294 -9.90 -11.18 10.18
N HIS A 295 -9.88 -12.23 9.39
CA HIS A 295 -11.04 -12.58 8.56
C HIS A 295 -11.01 -14.04 8.29
N ALA A 296 -12.18 -14.65 8.37
CA ALA A 296 -12.38 -16.02 7.93
C ALA A 296 -13.83 -16.17 7.49
N SER A 297 -14.05 -16.53 6.24
CA SER A 297 -15.41 -16.73 5.72
C SER A 297 -15.43 -17.81 4.66
N ASP A 298 -16.63 -18.35 4.42
CA ASP A 298 -16.81 -19.36 3.36
C ASP A 298 -17.28 -18.68 2.08
N LYS A 299 -16.71 -19.14 0.98
CA LYS A 299 -16.95 -18.60 -0.37
C LYS A 299 -16.97 -19.73 -1.36
N THR A 300 -17.23 -19.41 -2.64
CA THR A 300 -17.17 -20.41 -3.71
C THR A 300 -16.51 -19.81 -4.91
N VAL A 301 -15.75 -20.60 -5.63
CA VAL A 301 -15.24 -20.16 -6.92
C VAL A 301 -16.10 -20.87 -7.97
N GLU A 302 -16.61 -20.09 -8.91
CA GLU A 302 -17.40 -20.65 -10.00
C GLU A 302 -16.55 -20.90 -11.24
N VAL A 303 -16.73 -22.02 -11.88
CA VAL A 303 -16.06 -22.25 -13.16
C VAL A 303 -16.57 -21.27 -14.23
N LYS A 304 -15.62 -20.60 -14.87
CA LYS A 304 -15.88 -19.61 -15.91
C LYS A 304 -16.54 -20.21 -17.16
N PRO A 305 -17.13 -19.37 -18.03
CA PRO A 305 -18.02 -19.88 -19.10
C PRO A 305 -17.40 -20.85 -20.09
N GLY A 306 -16.14 -20.64 -20.43
CA GLY A 306 -15.46 -21.54 -21.36
C GLY A 306 -15.35 -22.93 -20.79
N MET A 307 -14.78 -23.01 -19.60
CA MET A 307 -14.53 -24.30 -18.99
C MET A 307 -15.84 -24.94 -18.60
N LYS A 308 -16.83 -24.12 -18.26
CA LYS A 308 -18.14 -24.63 -17.86
C LYS A 308 -18.84 -25.27 -19.08
N ALA A 309 -18.82 -24.57 -20.21
CA ALA A 309 -19.36 -25.17 -21.46
C ALA A 309 -18.63 -26.47 -21.78
N ARG A 310 -17.31 -26.50 -21.59
CA ARG A 310 -16.52 -27.68 -21.97
C ARG A 310 -16.74 -28.88 -21.07
N PHE A 311 -16.77 -28.68 -19.76
CA PHE A 311 -16.74 -29.82 -18.85
C PHE A 311 -17.85 -29.85 -17.83
N VAL A 312 -18.42 -28.70 -17.49
CA VAL A 312 -19.42 -28.71 -16.42
C VAL A 312 -20.75 -29.20 -17.00
N ASP A 313 -21.13 -28.68 -18.16
CA ASP A 313 -22.45 -28.97 -18.77
C ASP A 313 -22.58 -30.45 -19.18
N SER A 314 -21.47 -31.14 -19.36
CA SER A 314 -21.43 -32.59 -19.61
C SER A 314 -21.16 -33.39 -18.37
N GLY A 315 -21.16 -32.72 -17.21
CA GLY A 315 -21.04 -33.41 -15.92
C GLY A 315 -19.68 -33.93 -15.57
N GLU A 316 -18.62 -33.44 -16.21
CA GLU A 316 -17.29 -33.96 -15.96
C GLU A 316 -16.56 -33.16 -14.88
N MET A 317 -17.14 -32.03 -14.48
CA MET A 317 -16.48 -31.13 -13.55
C MET A 317 -17.54 -30.37 -12.77
N ALA A 318 -17.28 -30.15 -11.49
CA ALA A 318 -18.19 -29.36 -10.66
C ALA A 318 -18.34 -27.93 -11.18
N GLU A 319 -19.52 -27.34 -11.03
CA GLU A 319 -19.74 -25.99 -11.54
C GLU A 319 -19.08 -24.96 -10.62
N SER A 320 -18.76 -25.36 -9.38
CA SER A 320 -18.12 -24.44 -8.46
C SER A 320 -17.50 -25.19 -7.30
N PHE A 321 -16.60 -24.54 -6.58
CA PHE A 321 -15.87 -25.20 -5.49
C PHE A 321 -15.89 -24.33 -4.25
N PRO A 322 -16.30 -24.89 -3.12
CA PRO A 322 -16.31 -24.11 -1.88
C PRO A 322 -14.93 -24.05 -1.24
N TYR A 323 -14.62 -22.92 -0.65
CA TYR A 323 -13.40 -22.75 0.12
C TYR A 323 -13.62 -21.76 1.24
N ARG A 324 -12.69 -21.81 2.18
CA ARG A 324 -12.60 -20.79 3.21
C ARG A 324 -11.46 -19.84 2.89
N THR A 325 -11.75 -18.54 2.93
CA THR A 325 -10.70 -17.54 2.77
C THR A 325 -10.34 -17.01 4.16
N LYS A 326 -9.04 -16.77 4.37
CA LYS A 326 -8.57 -16.13 5.60
C LYS A 326 -7.58 -15.02 5.27
N ALA A 327 -7.62 -13.98 6.08
CA ALA A 327 -6.65 -12.86 6.02
C ALA A 327 -5.94 -12.80 7.36
N LEU A 328 -4.62 -12.68 7.28
CA LEU A 328 -3.80 -12.55 8.46
C LEU A 328 -2.68 -11.53 8.27
N PHE A 329 -2.29 -10.95 9.39
CA PHE A 329 -1.36 -9.84 9.45
C PHE A 329 -0.38 -10.03 10.58
N ALA A 330 0.86 -9.55 10.37
CA ALA A 330 1.84 -9.54 11.44
C ALA A 330 2.20 -8.10 11.77
N PHE A 331 2.44 -7.88 13.07
CA PHE A 331 2.67 -6.55 13.60
C PHE A 331 3.91 -6.59 14.47
N GLU A 332 4.65 -5.50 14.47
CA GLU A 332 5.75 -5.33 15.41
C GLU A 332 5.65 -3.96 16.07
N GLU A 333 6.05 -3.86 17.32
CA GLU A 333 6.18 -2.54 17.94
C GLU A 333 7.49 -1.88 17.55
N ILE A 334 7.39 -0.70 16.96
CA ILE A 334 8.56 0.09 16.57
C ILE A 334 8.40 1.50 17.17
N ASP A 335 9.42 1.93 17.91
CA ASP A 335 9.39 3.21 18.62
C ASP A 335 8.12 3.36 19.48
N GLY A 336 7.75 2.31 20.21
CA GLY A 336 6.59 2.32 21.09
C GLY A 336 5.22 2.17 20.44
N VAL A 337 5.16 2.03 19.11
CA VAL A 337 3.89 2.04 18.38
C VAL A 337 3.77 0.82 17.45
N ASP A 338 2.54 0.39 17.20
CA ASP A 338 2.30 -0.79 16.40
C ASP A 338 2.61 -0.47 14.95
N LEU A 339 3.18 -1.46 14.28
CA LEU A 339 3.48 -1.36 12.85
C LEU A 339 3.14 -2.66 12.14
N CYS A 340 2.21 -2.57 11.18
CA CYS A 340 1.79 -3.75 10.39
C CYS A 340 2.80 -3.93 9.28
N PHE A 341 3.49 -5.06 9.20
CA PHE A 341 4.57 -5.18 8.21
C PHE A 341 4.40 -6.32 7.23
N PHE A 342 3.41 -7.17 7.47
CA PHE A 342 3.18 -8.31 6.60
C PHE A 342 1.70 -8.68 6.61
N GLY A 343 1.20 -9.03 5.44
CA GLY A 343 -0.19 -9.40 5.25
C GLY A 343 -0.29 -10.51 4.24
N MET A 344 -1.31 -11.36 4.41
CA MET A 344 -1.49 -12.51 3.51
C MET A 344 -2.94 -12.99 3.51
N HIS A 345 -3.45 -13.34 2.33
CA HIS A 345 -4.75 -13.98 2.16
C HIS A 345 -4.57 -15.36 1.57
N VAL A 346 -5.31 -16.30 2.11
CA VAL A 346 -5.28 -17.68 1.62
C VAL A 346 -6.66 -18.26 1.32
N GLN A 347 -6.69 -19.25 0.42
CA GLN A 347 -7.88 -20.02 0.05
C GLN A 347 -7.67 -21.44 0.47
N GLU A 348 -8.61 -21.95 1.25
CA GLU A 348 -8.50 -23.31 1.77
C GLU A 348 -9.69 -24.18 1.34
N TYR A 349 -9.39 -25.21 0.56
CA TYR A 349 -10.42 -26.12 0.00
C TYR A 349 -10.41 -27.40 0.81
N GLY A 350 -11.46 -27.56 1.60
CA GLY A 350 -11.51 -28.64 2.58
C GLY A 350 -11.77 -30.03 2.04
N SER A 351 -12.03 -30.98 2.94
CA SER A 351 -12.25 -32.37 2.53
C SER A 351 -13.63 -32.60 1.93
N ASP A 352 -14.58 -31.71 2.16
CA ASP A 352 -15.92 -31.82 1.51
C ASP A 352 -15.95 -31.26 0.08
N CYS A 353 -14.89 -30.62 -0.34
CA CYS A 353 -14.83 -29.99 -1.64
C CYS A 353 -14.68 -31.06 -2.75
N PRO A 354 -15.34 -30.89 -3.91
CA PRO A 354 -15.12 -31.90 -4.96
C PRO A 354 -13.70 -31.87 -5.52
N PRO A 355 -13.18 -33.00 -6.01
CA PRO A 355 -11.99 -32.94 -6.86
C PRO A 355 -12.23 -32.01 -8.05
N PRO A 356 -11.18 -31.41 -8.60
CA PRO A 356 -9.77 -31.61 -8.27
C PRO A 356 -9.23 -30.72 -7.08
N ASN A 357 -10.09 -30.02 -6.36
CA ASN A 357 -9.61 -28.99 -5.42
C ASN A 357 -9.47 -29.51 -3.98
N GLN A 358 -9.94 -30.72 -3.75
CA GLN A 358 -10.05 -31.30 -2.43
C GLN A 358 -8.74 -31.26 -1.63
N ARG A 359 -8.80 -30.70 -0.42
CA ARG A 359 -7.67 -30.69 0.54
C ARG A 359 -6.46 -29.87 0.08
N ARG A 360 -6.73 -28.79 -0.65
CA ARG A 360 -5.69 -27.94 -1.20
C ARG A 360 -5.76 -26.56 -0.61
N VAL A 361 -4.60 -25.95 -0.43
CA VAL A 361 -4.52 -24.53 -0.08
C VAL A 361 -3.77 -23.78 -1.17
N TYR A 362 -4.22 -22.54 -1.35
CA TYR A 362 -3.63 -21.65 -2.33
C TYR A 362 -3.39 -20.27 -1.72
N ILE A 363 -2.21 -19.69 -1.97
CA ILE A 363 -1.96 -18.35 -1.44
C ILE A 363 -2.50 -17.34 -2.43
N SER A 364 -3.52 -16.61 -2.03
CA SER A 364 -4.13 -15.61 -2.92
C SER A 364 -3.13 -14.48 -3.17
N TYR A 365 -2.61 -13.91 -2.10
CA TYR A 365 -1.58 -12.85 -2.22
C TYR A 365 -0.99 -12.57 -0.87
N LEU A 366 0.27 -12.14 -0.90
CA LEU A 366 0.95 -11.70 0.30
C LEU A 366 1.69 -10.42 -0.04
N ASP A 367 2.02 -9.65 0.99
CA ASP A 367 2.60 -8.34 0.81
C ASP A 367 3.26 -7.94 2.10
N SER A 368 4.18 -6.99 1.97
CA SER A 368 4.95 -6.54 3.11
C SER A 368 5.36 -5.08 2.97
N VAL A 369 5.76 -4.52 4.11
CA VAL A 369 6.21 -3.12 4.24
C VAL A 369 7.49 -3.25 5.01
N HIS A 370 8.59 -2.82 4.41
CA HIS A 370 9.95 -3.24 4.81
C HIS A 370 10.55 -2.63 6.07
N PHE A 371 9.74 -2.30 7.08
CA PHE A 371 10.23 -1.64 8.30
C PHE A 371 10.61 -2.58 9.43
N PHE A 372 10.44 -3.88 9.24
CA PHE A 372 10.76 -4.84 10.29
C PHE A 372 12.18 -4.67 10.85
N ARG A 373 12.31 -4.81 12.16
CA ARG A 373 13.57 -4.71 12.88
C ARG A 373 13.81 -5.96 13.68
N PRO A 374 15.01 -6.53 13.59
CA PRO A 374 16.17 -6.06 12.84
C PRO A 374 16.08 -6.49 11.37
N LYS A 375 16.48 -5.57 10.50
CA LYS A 375 16.55 -5.82 9.06
C LYS A 375 17.10 -7.19 8.68
N CYS A 376 18.16 -7.61 9.32
CA CYS A 376 18.82 -8.78 8.75
C CYS A 376 18.06 -10.06 9.10
N LEU A 377 16.97 -9.97 9.86
CA LEU A 377 16.09 -11.12 10.07
C LEU A 377 14.73 -11.02 9.37
N ARG A 378 14.53 -9.94 8.63
CA ARG A 378 13.27 -9.73 7.93
C ARG A 378 12.81 -10.91 7.04
N THR A 379 13.63 -11.25 6.06
CA THR A 379 13.29 -12.37 5.16
C THR A 379 13.07 -13.65 5.97
N ALA A 380 13.94 -13.88 6.96
CA ALA A 380 13.82 -15.09 7.77
C ALA A 380 12.45 -15.11 8.40
N VAL A 381 11.98 -13.94 8.86
CA VAL A 381 10.72 -13.94 9.57
C VAL A 381 9.54 -14.20 8.62
N TYR A 382 9.60 -13.64 7.42
CA TYR A 382 8.57 -13.91 6.43
C TYR A 382 8.51 -15.42 6.14
N HIS A 383 9.68 -16.03 5.99
CA HIS A 383 9.74 -17.45 5.75
C HIS A 383 9.14 -18.26 6.89
N GLU A 384 9.41 -17.82 8.12
CA GLU A 384 8.86 -18.55 9.28
C GLU A 384 7.34 -18.51 9.28
N ILE A 385 6.78 -17.37 8.87
CA ILE A 385 5.33 -17.24 8.80
C ILE A 385 4.77 -18.22 7.77
N LEU A 386 5.39 -18.26 6.59
CA LEU A 386 4.91 -19.17 5.54
C LEU A 386 5.13 -20.65 5.85
N ILE A 387 6.28 -20.98 6.42
CA ILE A 387 6.54 -22.37 6.78
C ILE A 387 5.56 -22.80 7.88
N GLY A 388 5.32 -21.93 8.86
CA GLY A 388 4.35 -22.21 9.92
C GLY A 388 2.95 -22.43 9.38
N TYR A 389 2.57 -21.68 8.35
CA TYR A 389 1.26 -21.81 7.80
C TYR A 389 1.10 -23.14 7.07
N LEU A 390 2.12 -23.49 6.27
CA LEU A 390 2.15 -24.83 5.64
C LEU A 390 2.08 -25.96 6.69
N GLU A 391 2.85 -25.82 7.76
CA GLU A 391 2.87 -26.84 8.81
C GLU A 391 1.48 -26.96 9.45
N TYR A 392 0.81 -25.83 9.65
CA TYR A 392 -0.47 -25.81 10.33
C TYR A 392 -1.55 -26.50 9.51
N VAL A 393 -1.63 -26.18 8.23
CA VAL A 393 -2.70 -26.75 7.42
C VAL A 393 -2.41 -28.22 7.14
N LYS A 394 -1.12 -28.57 7.09
CA LYS A 394 -0.75 -29.97 6.98
C LYS A 394 -1.32 -30.76 8.16
N LYS A 395 -1.22 -30.17 9.34
CA LYS A 395 -1.69 -30.86 10.57
C LYS A 395 -3.22 -31.06 10.48
N LEU A 396 -3.94 -30.11 9.88
CA LEU A 396 -5.38 -30.24 9.72
C LEU A 396 -5.79 -31.32 8.71
N GLY A 397 -4.87 -31.67 7.82
CA GLY A 397 -5.09 -32.70 6.83
C GLY A 397 -5.20 -32.16 5.41
N TYR A 398 -4.75 -30.92 5.19
CA TYR A 398 -4.59 -30.45 3.81
C TYR A 398 -3.33 -31.12 3.25
N THR A 399 -3.43 -31.64 2.01
CA THR A 399 -2.33 -32.46 1.45
C THR A 399 -1.36 -31.65 0.61
N THR A 400 -1.81 -30.53 0.07
CA THR A 400 -1.08 -29.87 -1.02
C THR A 400 -1.22 -28.35 -0.98
N GLY A 401 -0.10 -27.65 -1.11
CA GLY A 401 -0.11 -26.18 -1.23
C GLY A 401 0.22 -25.74 -2.64
N HIS A 402 -0.27 -24.56 -2.99
CA HIS A 402 -0.15 -24.01 -4.33
C HIS A 402 0.26 -22.57 -4.27
N ILE A 403 1.32 -22.24 -5.00
CA ILE A 403 1.83 -20.86 -5.01
C ILE A 403 2.10 -20.45 -6.44
N TRP A 404 1.51 -19.33 -6.82
CA TRP A 404 1.83 -18.61 -8.04
C TRP A 404 2.80 -17.45 -7.72
N ALA A 405 4.03 -17.56 -8.14
CA ALA A 405 4.99 -16.46 -7.89
C ALA A 405 4.86 -15.32 -8.87
N CYS A 406 3.96 -14.40 -8.59
CA CYS A 406 3.81 -13.23 -9.46
C CYS A 406 4.03 -11.90 -8.75
N PRO A 407 5.15 -11.18 -9.09
CA PRO A 407 5.30 -9.85 -8.45
C PRO A 407 4.21 -8.92 -8.87
N PRO A 408 3.97 -7.86 -8.07
CA PRO A 408 2.96 -6.93 -8.52
C PRO A 408 3.47 -6.25 -9.79
N SER A 409 2.54 -5.84 -10.64
CA SER A 409 2.93 -5.07 -11.80
C SER A 409 3.30 -3.72 -11.19
N GLU A 410 3.86 -2.84 -11.98
CA GLU A 410 4.21 -1.49 -11.53
C GLU A 410 2.96 -0.70 -11.05
N GLY A 411 3.15 -0.06 -9.91
CA GLY A 411 2.13 0.83 -9.35
C GLY A 411 0.89 0.13 -8.87
N ASP A 412 0.93 -1.19 -8.68
CA ASP A 412 -0.16 -1.91 -8.07
C ASP A 412 0.42 -2.38 -6.76
N ASP A 413 -0.46 -2.48 -5.78
CA ASP A 413 -0.13 -2.93 -4.44
C ASP A 413 -1.03 -4.12 -4.18
N TYR A 414 -0.48 -5.24 -3.70
CA TYR A 414 -1.32 -6.37 -3.40
C TYR A 414 -2.23 -6.12 -2.20
N ILE A 415 -1.69 -5.60 -1.10
CA ILE A 415 -2.45 -5.43 0.12
C ILE A 415 -2.32 -4.00 0.70
N PHE A 416 -1.08 -3.55 0.80
CA PHE A 416 -0.77 -2.26 1.46
C PHE A 416 -0.67 -1.13 0.48
N HIS A 417 -1.54 -0.14 0.62
CA HIS A 417 -1.53 1.00 -0.27
C HIS A 417 -0.28 1.90 -0.15
N CYS A 418 0.39 2.15 -1.28
CA CYS A 418 1.49 3.12 -1.39
C CYS A 418 2.71 2.72 -0.54
N HIS A 419 3.48 1.79 -1.08
CA HIS A 419 4.74 1.34 -0.50
C HIS A 419 5.81 2.44 -0.45
N PRO A 420 6.83 2.25 0.41
CA PRO A 420 7.96 3.17 0.40
C PRO A 420 8.61 3.16 -0.99
N PRO A 421 8.95 4.35 -1.51
CA PRO A 421 9.52 4.37 -2.85
C PRO A 421 10.86 3.66 -2.94
N ASP A 422 11.54 3.45 -1.82
CA ASP A 422 12.83 2.76 -1.80
C ASP A 422 12.70 1.27 -1.41
N GLN A 423 11.48 0.76 -1.37
CA GLN A 423 11.26 -0.67 -1.23
C GLN A 423 11.27 -1.27 -2.63
N LYS A 424 12.30 -2.02 -2.97
CA LYS A 424 12.36 -2.58 -4.29
C LYS A 424 11.38 -3.74 -4.44
N ILE A 425 10.84 -3.86 -5.65
CA ILE A 425 9.95 -4.92 -6.00
C ILE A 425 10.74 -6.00 -6.72
N PRO A 426 10.78 -7.24 -6.19
CA PRO A 426 11.47 -8.34 -6.89
C PRO A 426 10.90 -8.65 -8.27
N LYS A 427 11.76 -8.93 -9.23
CA LYS A 427 11.35 -9.53 -10.49
C LYS A 427 11.09 -11.03 -10.28
N PRO A 428 10.52 -11.70 -11.30
CA PRO A 428 10.09 -13.08 -11.15
C PRO A 428 11.17 -14.06 -10.75
N LYS A 429 12.36 -13.96 -11.33
CA LYS A 429 13.41 -14.90 -10.93
C LYS A 429 13.79 -14.75 -9.45
N ARG A 430 14.02 -13.54 -8.97
CA ARG A 430 14.28 -13.36 -7.53
C ARG A 430 13.12 -13.87 -6.63
N LEU A 431 11.88 -13.60 -7.01
CA LEU A 431 10.73 -14.03 -6.22
C LEU A 431 10.64 -15.59 -6.24
N GLN A 432 10.87 -16.20 -7.39
CA GLN A 432 10.89 -17.66 -7.46
C GLN A 432 11.92 -18.26 -6.52
N GLU A 433 13.13 -17.71 -6.56
CA GLU A 433 14.20 -18.19 -5.67
C GLU A 433 13.92 -18.01 -4.19
N TRP A 434 13.20 -16.94 -3.87
CA TRP A 434 12.78 -16.65 -2.51
C TRP A 434 11.81 -17.74 -2.03
N PHE A 435 10.84 -18.10 -2.88
CA PHE A 435 9.92 -19.19 -2.52
C PHE A 435 10.67 -20.53 -2.39
N LYS A 436 11.61 -20.78 -3.29
CA LYS A 436 12.44 -21.97 -3.20
C LYS A 436 13.27 -22.08 -1.94
N LYS A 437 13.84 -20.94 -1.53
CA LYS A 437 14.60 -20.93 -0.30
C LYS A 437 13.68 -21.24 0.90
N MET A 438 12.49 -20.65 0.92
CA MET A 438 11.48 -20.95 1.97
C MET A 438 11.12 -22.43 2.00
N LEU A 439 10.77 -22.97 0.84
CA LEU A 439 10.40 -24.37 0.73
C LEU A 439 11.54 -25.34 1.05
N ASP A 440 12.75 -24.99 0.64
CA ASP A 440 13.90 -25.81 0.98
C ASP A 440 14.04 -25.90 2.51
N LYS A 441 13.84 -24.80 3.22
CA LYS A 441 13.88 -24.85 4.69
C LYS A 441 12.74 -25.74 5.19
N ALA A 442 11.56 -25.57 4.61
CA ALA A 442 10.40 -26.41 4.97
C ALA A 442 10.66 -27.91 4.75
N VAL A 443 11.31 -28.23 3.64
CA VAL A 443 11.70 -29.63 3.41
C VAL A 443 12.69 -30.12 4.47
N SER A 444 13.71 -29.31 4.77
CA SER A 444 14.73 -29.74 5.73
C SER A 444 14.14 -29.88 7.13
N GLU A 445 13.06 -29.16 7.41
CA GLU A 445 12.30 -29.37 8.65
C GLU A 445 11.26 -30.51 8.62
N ARG A 446 11.17 -31.20 7.49
CA ARG A 446 10.24 -32.30 7.31
C ARG A 446 8.79 -31.89 7.41
N ILE A 447 8.53 -30.62 7.12
CA ILE A 447 7.15 -30.16 6.96
C ILE A 447 6.66 -30.44 5.52
N VAL A 448 7.41 -29.94 4.56
CA VAL A 448 7.11 -30.17 3.16
C VAL A 448 7.80 -31.46 2.75
N HIS A 449 7.05 -32.38 2.16
CA HIS A 449 7.64 -33.64 1.69
C HIS A 449 8.52 -33.37 0.47
N ASP A 450 7.96 -32.71 -0.53
CA ASP A 450 8.75 -32.21 -1.64
C ASP A 450 7.91 -31.24 -2.39
N TYR A 451 8.45 -30.64 -3.43
CA TYR A 451 7.69 -29.69 -4.27
C TYR A 451 8.23 -29.72 -5.68
N LYS A 452 7.37 -29.38 -6.62
CA LYS A 452 7.74 -29.42 -8.04
C LYS A 452 7.11 -28.25 -8.75
N ASP A 453 7.62 -27.88 -9.90
CA ASP A 453 6.87 -26.95 -10.78
C ASP A 453 5.62 -27.65 -11.37
N ILE A 454 4.65 -26.87 -11.85
CA ILE A 454 3.38 -27.41 -12.28
C ILE A 454 3.52 -28.48 -13.40
N PHE A 455 4.49 -28.27 -14.28
CA PHE A 455 4.72 -29.14 -15.45
C PHE A 455 5.24 -30.50 -15.00
N LYS A 456 6.24 -30.49 -14.13
CA LYS A 456 6.73 -31.74 -13.56
C LYS A 456 5.68 -32.43 -12.71
N GLN A 457 4.93 -31.66 -11.91
CA GLN A 457 3.88 -32.28 -11.10
C GLN A 457 2.81 -32.94 -11.96
N ALA A 458 2.40 -32.26 -13.02
CA ALA A 458 1.38 -32.84 -13.91
C ALA A 458 1.91 -34.14 -14.53
N THR A 459 3.16 -34.10 -14.99
CA THR A 459 3.82 -35.28 -15.53
C THR A 459 3.76 -36.40 -14.50
N GLU A 460 4.11 -36.12 -13.25
CA GLU A 460 4.11 -37.15 -12.21
C GLU A 460 2.69 -37.68 -11.94
N ASP A 461 1.68 -36.82 -12.02
CA ASP A 461 0.30 -37.22 -11.77
C ASP A 461 -0.35 -37.85 -13.00
N ARG A 462 0.43 -38.00 -14.07
CA ARG A 462 -0.09 -38.51 -15.31
C ARG A 462 -1.37 -37.78 -15.68
N LEU A 463 -1.32 -36.47 -15.57
CA LEU A 463 -2.45 -35.65 -15.96
C LEU A 463 -2.68 -35.68 -17.46
N THR A 464 -3.94 -35.72 -17.87
CA THR A 464 -4.27 -35.73 -19.29
C THR A 464 -5.23 -34.63 -19.70
N SER A 465 -5.96 -34.07 -18.76
CA SER A 465 -7.01 -33.08 -19.10
C SER A 465 -7.03 -31.87 -18.20
N ALA A 466 -7.43 -30.75 -18.77
CA ALA A 466 -7.52 -29.49 -18.04
C ALA A 466 -8.50 -29.56 -16.89
N LYS A 467 -9.48 -30.45 -16.97
CA LYS A 467 -10.46 -30.56 -15.87
C LYS A 467 -9.80 -31.13 -14.61
N GLU A 468 -8.58 -31.64 -14.73
CA GLU A 468 -7.86 -32.22 -13.59
C GLU A 468 -6.98 -31.18 -12.84
N LEU A 469 -6.87 -29.99 -13.40
CA LEU A 469 -6.06 -28.95 -12.78
C LEU A 469 -6.88 -28.25 -11.70
N PRO A 470 -6.32 -28.10 -10.49
CA PRO A 470 -6.95 -27.30 -9.43
C PRO A 470 -7.37 -25.94 -9.95
N TYR A 471 -8.55 -25.51 -9.53
CA TYR A 471 -9.21 -24.34 -10.09
C TYR A 471 -9.47 -23.29 -9.00
N PHE A 472 -8.61 -22.28 -8.89
CA PHE A 472 -8.61 -21.37 -7.75
C PHE A 472 -9.13 -19.98 -8.13
N GLU A 473 -9.76 -19.30 -7.20
CA GLU A 473 -10.24 -17.97 -7.45
C GLU A 473 -9.08 -17.03 -7.78
N GLY A 474 -9.20 -16.30 -8.89
CA GLY A 474 -8.21 -15.31 -9.25
C GLY A 474 -6.91 -15.84 -9.85
N ASP A 475 -6.77 -17.15 -9.98
CA ASP A 475 -5.50 -17.74 -10.39
C ASP A 475 -5.30 -17.65 -11.90
N PHE A 476 -4.04 -17.78 -12.32
CA PHE A 476 -3.68 -17.77 -13.74
C PHE A 476 -4.41 -18.80 -14.59
N TRP A 477 -4.47 -20.03 -14.10
CA TRP A 477 -4.89 -21.15 -14.93
C TRP A 477 -6.34 -21.09 -15.38
N PRO A 478 -7.27 -20.68 -14.49
CA PRO A 478 -8.64 -20.49 -15.01
C PRO A 478 -8.75 -19.51 -16.19
N ASN A 479 -7.93 -18.47 -16.18
CA ASN A 479 -7.99 -17.49 -17.27
C ASN A 479 -7.33 -18.01 -18.55
N VAL A 480 -6.20 -18.67 -18.41
CA VAL A 480 -5.50 -19.12 -19.59
C VAL A 480 -6.29 -20.27 -20.27
N LEU A 481 -6.99 -21.07 -19.47
CA LEU A 481 -7.85 -22.11 -20.02
C LEU A 481 -9.02 -21.55 -20.84
N GLU A 482 -9.68 -20.50 -20.36
CA GLU A 482 -10.66 -19.80 -21.19
C GLU A 482 -10.05 -19.44 -22.55
N GLU A 483 -8.92 -18.72 -22.53
CA GLU A 483 -8.23 -18.27 -23.74
C GLU A 483 -7.89 -19.44 -24.68
N SER A 484 -7.40 -20.52 -24.09
CA SER A 484 -6.98 -21.69 -24.83
C SER A 484 -8.15 -22.38 -25.54
N ILE A 485 -9.29 -22.50 -24.85
CA ILE A 485 -10.41 -23.20 -25.43
C ILE A 485 -10.92 -22.45 -26.66
N LYS A 486 -11.02 -21.13 -26.50
CA LYS A 486 -11.53 -20.29 -27.60
C LYS A 486 -10.54 -20.20 -28.74
N GLU A 487 -9.24 -19.94 -28.47
CA GLU A 487 -8.19 -19.98 -29.52
C GLU A 487 -8.23 -21.25 -30.37
N SER A 488 -8.40 -22.40 -29.70
CA SER A 488 -8.40 -23.69 -30.37
C SER A 488 -9.79 -24.05 -30.88
N GLY A 489 -10.76 -23.19 -30.68
CA GLY A 489 -12.09 -23.38 -31.18
C GLY A 489 -12.69 -24.66 -30.69
N GLY A 490 -12.65 -24.87 -29.39
CA GLY A 490 -13.19 -26.13 -28.82
C GLY A 490 -12.19 -27.00 -28.07
N SER A 491 -10.93 -26.57 -28.00
CA SER A 491 -9.94 -27.22 -27.19
C SER A 491 -9.57 -28.59 -27.77
N SER A 493 -7.41 -28.76 -23.59
CA SER A 493 -6.30 -29.61 -23.22
C SER A 493 -5.15 -29.72 -24.26
N GLN A 494 -5.44 -29.33 -25.50
CA GLN A 494 -4.50 -29.49 -26.63
C GLN A 494 -3.04 -29.09 -26.36
N LYS A 495 -2.85 -27.88 -25.87
CA LYS A 495 -1.49 -27.33 -25.69
C LYS A 495 -1.14 -27.20 -24.21
N LEU A 496 -1.84 -27.98 -23.40
CA LEU A 496 -1.79 -27.83 -21.95
C LEU A 496 -0.38 -28.06 -21.41
N TYR A 497 0.20 -29.21 -21.73
CA TYR A 497 1.58 -29.47 -21.37
C TYR A 497 2.53 -28.38 -21.84
N ALA A 498 2.30 -27.89 -23.07
CA ALA A 498 3.15 -26.83 -23.61
C ALA A 498 2.97 -25.53 -22.81
N THR A 499 1.74 -25.24 -22.41
CA THR A 499 1.49 -24.04 -21.64
C THR A 499 2.11 -24.17 -20.24
N MET A 500 1.98 -25.36 -19.66
CA MET A 500 2.58 -25.60 -18.35
C MET A 500 4.09 -25.49 -18.44
N GLU A 501 4.69 -26.04 -19.49
CA GLU A 501 6.16 -26.06 -19.57
C GLU A 501 6.66 -24.64 -19.67
N LYS A 502 5.97 -23.87 -20.51
CA LYS A 502 6.31 -22.48 -20.81
C LYS A 502 6.33 -21.55 -19.58
N HIS A 503 5.42 -21.81 -18.65
CA HIS A 503 5.26 -20.96 -17.46
C HIS A 503 5.68 -21.67 -16.18
N LYS A 504 6.44 -22.76 -16.30
CA LYS A 504 6.55 -23.66 -15.19
C LYS A 504 7.25 -23.10 -13.97
N GLU A 505 8.25 -22.23 -14.18
CA GLU A 505 9.09 -21.72 -13.07
C GLU A 505 8.31 -20.88 -12.04
N VAL A 506 7.11 -20.48 -12.43
CA VAL A 506 6.27 -19.51 -11.74
C VAL A 506 5.24 -20.23 -10.84
N PHE A 507 5.04 -21.53 -11.08
CA PHE A 507 3.94 -22.28 -10.43
C PHE A 507 4.47 -23.43 -9.60
N PHE A 508 4.31 -23.28 -8.29
CA PHE A 508 4.77 -24.28 -7.33
C PHE A 508 3.63 -25.15 -6.82
N VAL A 509 3.87 -26.46 -6.79
CA VAL A 509 2.96 -27.41 -6.18
C VAL A 509 3.71 -28.10 -5.04
N ILE A 510 3.14 -28.01 -3.85
CA ILE A 510 3.87 -28.32 -2.63
C ILE A 510 3.21 -29.47 -1.90
N ARG A 511 3.89 -30.61 -1.81
CA ARG A 511 3.30 -31.79 -1.21
C ARG A 511 3.56 -31.80 0.28
N LEU A 512 2.47 -31.66 1.02
CA LEU A 512 2.51 -31.69 2.48
C LEU A 512 2.32 -33.11 2.98
N ILE A 513 1.37 -33.83 2.38
CA ILE A 513 1.07 -35.21 2.78
C ILE A 513 1.17 -36.07 1.55
N ALA A 514 2.08 -37.04 1.62
CA ALA A 514 2.49 -37.78 0.44
C ALA A 514 1.90 -39.19 0.43
N GLY A 515 1.55 -39.63 -0.78
CA GLY A 515 1.38 -41.04 -1.07
C GLY A 515 0.14 -41.66 -0.47
N PRO A 516 0.29 -42.85 0.15
CA PRO A 516 -0.89 -43.64 0.51
C PRO A 516 -1.67 -42.98 1.66
N ALA A 517 -0.94 -42.23 2.49
CA ALA A 517 -1.52 -41.54 3.62
C ALA A 517 -2.50 -40.47 3.19
N ALA A 518 -2.28 -39.93 1.99
CA ALA A 518 -3.15 -38.87 1.49
C ALA A 518 -4.54 -39.37 1.07
N ASN A 519 -4.72 -40.70 1.05
CA ASN A 519 -5.94 -41.30 0.50
C ASN A 519 -6.97 -41.75 1.54
N SER A 520 -6.53 -41.85 2.79
CA SER A 520 -7.36 -42.39 3.88
C SER A 520 -7.53 -41.44 5.08
N LEU A 521 -7.51 -40.14 4.83
CA LEU A 521 -7.48 -39.15 5.91
C LEU A 521 -8.89 -38.96 6.50
N PRO A 522 -8.96 -38.60 7.79
CA PRO A 522 -10.27 -38.22 8.35
C PRO A 522 -10.70 -36.86 7.83
N PRO A 523 -11.93 -36.46 8.09
CA PRO A 523 -12.41 -35.16 7.70
C PRO A 523 -11.52 -34.02 8.19
N ILE A 524 -11.47 -32.92 7.44
CA ILE A 524 -10.77 -31.73 7.91
C ILE A 524 -11.73 -30.97 8.81
N VAL A 525 -11.30 -30.74 10.03
CA VAL A 525 -12.07 -29.99 11.01
C VAL A 525 -11.24 -28.83 11.52
N ASP A 526 -11.63 -27.62 11.17
CA ASP A 526 -10.94 -26.43 11.59
C ASP A 526 -11.47 -26.02 12.97
N PRO A 527 -10.62 -25.95 14.00
CA PRO A 527 -11.09 -25.57 15.31
C PRO A 527 -11.38 -24.07 15.44
N ASP A 528 -10.87 -23.26 14.51
CA ASP A 528 -11.08 -21.83 14.65
C ASP A 528 -12.45 -21.46 14.08
N PRO A 529 -13.15 -20.51 14.73
CA PRO A 529 -14.46 -20.09 14.25
C PRO A 529 -14.35 -19.19 13.05
N LEU A 530 -15.47 -18.95 12.39
CA LEU A 530 -15.51 -17.98 11.32
C LEU A 530 -15.30 -16.61 11.91
N ILE A 531 -14.77 -15.69 11.10
CA ILE A 531 -14.53 -14.33 11.57
C ILE A 531 -15.03 -13.36 10.52
N PRO A 532 -16.25 -12.85 10.68
CA PRO A 532 -16.82 -11.88 9.75
C PRO A 532 -16.16 -10.49 9.83
N CYS A 533 -15.55 -10.06 8.75
CA CYS A 533 -14.91 -8.74 8.67
C CYS A 533 -14.90 -8.35 7.21
N ASP A 534 -15.82 -7.50 6.80
CA ASP A 534 -15.98 -7.16 5.38
C ASP A 534 -14.76 -6.42 4.87
N LEU A 535 -14.11 -5.68 5.76
CA LEU A 535 -12.96 -4.90 5.36
C LEU A 535 -11.83 -5.80 4.81
N MET A 536 -11.79 -7.05 5.26
CA MET A 536 -10.69 -7.96 4.95
C MET A 536 -11.15 -9.18 4.18
N ASP A 537 -12.31 -9.08 3.54
CA ASP A 537 -12.80 -10.11 2.62
C ASP A 537 -12.12 -9.88 1.26
N GLY A 538 -10.96 -10.49 1.06
CA GLY A 538 -10.14 -10.16 -0.11
C GLY A 538 -9.44 -8.81 0.04
N ARG A 539 -8.52 -8.51 -0.88
CA ARG A 539 -7.66 -7.34 -0.81
C ARG A 539 -8.34 -5.99 -1.11
N ASP A 540 -9.41 -5.97 -1.89
CA ASP A 540 -9.95 -4.73 -2.41
C ASP A 540 -10.42 -3.73 -1.34
N ALA A 541 -11.13 -4.20 -0.32
CA ALA A 541 -11.77 -3.29 0.61
C ALA A 541 -10.73 -2.47 1.40
N PHE A 542 -9.64 -3.12 1.81
CA PHE A 542 -8.65 -2.42 2.61
C PHE A 542 -7.84 -1.45 1.72
N LEU A 543 -7.60 -1.84 0.47
CA LEU A 543 -6.94 -0.93 -0.45
C LEU A 543 -7.82 0.32 -0.71
N THR A 544 -9.11 0.09 -0.84
CA THR A 544 -10.07 1.18 -1.07
C THR A 544 -10.15 2.11 0.11
N LEU A 545 -10.31 1.55 1.30
CA LEU A 545 -10.26 2.35 2.53
C LEU A 545 -9.00 3.20 2.61
N ALA A 546 -7.84 2.57 2.38
CA ALA A 546 -6.56 3.26 2.50
C ALA A 546 -6.44 4.43 1.52
N ARG A 547 -6.85 4.16 0.29
CA ARG A 547 -6.89 5.20 -0.73
C ARG A 547 -7.85 6.33 -0.40
N ASP A 548 -9.05 6.00 0.09
CA ASP A 548 -10.02 7.03 0.43
C ASP A 548 -9.66 7.84 1.69
N LYS A 549 -8.79 7.30 2.55
CA LYS A 549 -8.47 8.03 3.77
C LYS A 549 -6.98 8.43 3.89
N HIS A 550 -6.26 8.37 2.78
CA HIS A 550 -4.85 8.72 2.74
C HIS A 550 -4.04 7.92 3.77
N LEU A 551 -4.28 6.62 3.80
CA LEU A 551 -3.52 5.71 4.64
C LEU A 551 -2.44 5.01 3.82
N GLU A 552 -1.28 5.67 3.74
CA GLU A 552 -0.15 5.15 3.00
C GLU A 552 0.80 4.34 3.89
N PHE A 553 1.55 3.44 3.26
CA PHE A 553 2.57 2.70 3.99
C PHE A 553 3.94 3.07 3.43
N SER A 554 4.10 4.35 3.06
CA SER A 554 5.23 4.82 2.25
C SER A 554 6.42 5.36 3.06
N SER A 555 6.25 5.44 4.38
CA SER A 555 7.30 5.90 5.30
C SER A 555 7.00 5.31 6.66
N LEU A 556 7.98 5.33 7.55
CA LEU A 556 7.74 4.76 8.85
C LEU A 556 6.59 5.51 9.52
N ARG A 557 6.61 6.83 9.48
CA ARG A 557 5.56 7.60 10.20
C ARG A 557 4.18 7.41 9.58
N ARG A 558 4.10 7.36 8.26
CA ARG A 558 2.79 7.18 7.66
C ARG A 558 2.29 5.75 7.88
N ALA A 559 3.21 4.77 7.88
CA ALA A 559 2.79 3.40 8.12
C ALA A 559 2.31 3.24 9.57
N GLN A 560 2.97 3.94 10.48
CA GLN A 560 2.52 3.88 11.87
C GLN A 560 1.12 4.50 12.01
N TRP A 561 0.89 5.64 11.38
CA TRP A 561 -0.47 6.20 11.33
C TRP A 561 -1.44 5.25 10.70
N SER A 562 -1.07 4.68 9.55
CA SER A 562 -2.00 3.84 8.85
C SER A 562 -2.30 2.59 9.64
N THR A 563 -1.30 2.08 10.36
CA THR A 563 -1.54 0.90 11.19
C THR A 563 -2.52 1.25 12.30
N MET A 564 -2.28 2.40 12.94
CA MET A 564 -3.16 2.86 14.01
C MET A 564 -4.62 2.98 13.52
N CYS A 565 -4.83 3.54 12.33
CA CYS A 565 -6.17 3.68 11.80
C CYS A 565 -6.78 2.33 11.42
N MET A 566 -5.98 1.48 10.80
CA MET A 566 -6.41 0.11 10.46
C MET A 566 -6.88 -0.63 11.72
N LEU A 567 -6.12 -0.51 12.81
CA LEU A 567 -6.46 -1.21 14.03
C LEU A 567 -7.74 -0.69 14.68
N VAL A 568 -7.94 0.62 14.63
CA VAL A 568 -9.24 1.19 15.09
C VAL A 568 -10.39 0.60 14.27
N GLU A 569 -10.23 0.55 12.95
CA GLU A 569 -11.26 0.01 12.10
C GLU A 569 -11.55 -1.45 12.41
N LEU A 570 -10.51 -2.25 12.56
CA LEU A 570 -10.67 -3.67 12.90
C LEU A 570 -11.34 -3.86 14.27
N HIS A 571 -10.98 -3.05 15.24
CA HIS A 571 -11.61 -3.13 16.58
C HIS A 571 -13.06 -2.64 16.63
N THR A 572 -13.41 -1.65 15.81
CA THR A 572 -14.72 -1.02 15.90
C THR A 572 -15.75 -1.59 14.93
N GLN A 573 -15.31 -2.31 13.94
CA GLN A 573 -16.23 -2.99 13.03
C GLN A 573 -17.10 -2.06 12.19
#